data_4PXU
#
_entry.id   4PXU
#
_cell.length_a   138.648
_cell.length_b   138.648
_cell.length_c   105.792
_cell.angle_alpha   90.00
_cell.angle_beta   90.00
_cell.angle_gamma   120.00
#
_symmetry.space_group_name_H-M   'P 64 2 2'
#
loop_
_entity.id
_entity.type
_entity.pdbx_description
1 polymer 'Bipolar kinesin KRP-130'
2 non-polymer (4S)-2-METHYL-2,4-PENTANEDIOL
3 water water
#
_entity_poly.entity_id   1
_entity_poly.type   'polypeptide(L)'
_entity_poly.pdbx_seq_one_letter_code
;MQQQQLLMSKEIQTNLQVIEENNQRHKAMLDSMQEKFATIIDSSLQSVEEHAKQMHKKLEQLGAMSLPDAEELQNLQEEL
ANERALAQQEDALLESMMMQMEQIKNLRSKNSISMSVHLNKMEESRLTRNHRIDDIKSGIQDYQKLGIEASQSAQAELTS
QMEAGMLCLDQGVANCSMLQVHMKNLNQKYEKETNENVGSVRVSGHHHHHH
;
_entity_poly.pdbx_strand_id   A,B
#
loop_
_chem_comp.id
_chem_comp.type
_chem_comp.name
_chem_comp.formula
MPD non-polymer (4S)-2-METHYL-2,4-PENTANEDIOL 'C6 H14 O2'
#
# COMPACT_ATOMS: atom_id res chain seq x y z
N MET A 8 -112.39 -25.93 47.27
CA MET A 8 -111.41 -25.44 46.31
C MET A 8 -110.29 -24.68 47.02
N SER A 9 -110.37 -24.60 48.33
CA SER A 9 -109.32 -23.97 49.14
C SER A 9 -108.04 -24.80 49.08
N LYS A 10 -108.22 -26.12 49.04
CA LYS A 10 -107.13 -27.07 48.93
C LYS A 10 -106.60 -27.10 47.50
N GLU A 11 -107.46 -26.70 46.56
CA GLU A 11 -107.17 -26.76 45.14
C GLU A 11 -106.25 -25.60 44.72
N ILE A 12 -106.33 -24.49 45.43
CA ILE A 12 -105.53 -23.31 45.13
C ILE A 12 -104.11 -23.46 45.68
N GLN A 13 -104.00 -24.18 46.80
CA GLN A 13 -102.70 -24.44 47.42
C GLN A 13 -101.76 -25.23 46.52
N THR A 14 -102.32 -26.16 45.73
CA THR A 14 -101.51 -27.00 44.87
C THR A 14 -101.16 -26.30 43.56
N ASN A 15 -102.00 -25.35 43.15
CA ASN A 15 -101.68 -24.51 41.99
C ASN A 15 -100.56 -23.53 42.34
N LEU A 16 -100.41 -23.26 43.62
CA LEU A 16 -99.32 -22.41 44.10
C LEU A 16 -98.07 -23.23 44.33
N GLN A 17 -98.23 -24.54 44.44
CA GLN A 17 -97.08 -25.44 44.49
C GLN A 17 -96.50 -25.59 43.09
N VAL A 18 -97.38 -25.66 42.09
CA VAL A 18 -96.98 -25.66 40.68
C VAL A 18 -96.06 -24.48 40.37
N ILE A 19 -96.49 -23.29 40.79
CA ILE A 19 -95.70 -22.07 40.59
C ILE A 19 -94.42 -22.10 41.41
N GLU A 20 -94.50 -22.71 42.60
CA GLU A 20 -93.35 -22.79 43.50
C GLU A 20 -92.28 -23.72 42.92
N GLU A 21 -92.66 -24.55 41.95
CA GLU A 21 -91.72 -25.40 41.25
C GLU A 21 -91.46 -24.85 39.85
N ASN A 22 -92.44 -24.11 39.32
CA ASN A 22 -92.30 -23.48 38.01
C ASN A 22 -91.12 -22.52 37.95
N ASN A 23 -91.03 -21.62 38.93
CA ASN A 23 -89.91 -20.70 39.01
C ASN A 23 -88.63 -21.44 39.41
N GLN A 24 -88.78 -22.52 40.17
CA GLN A 24 -87.64 -23.38 40.50
C GLN A 24 -87.06 -24.04 39.24
N ARG A 25 -87.92 -24.29 38.26
CA ARG A 25 -87.52 -24.86 36.97
C ARG A 25 -86.77 -23.83 36.14
N HIS A 26 -86.99 -22.56 36.43
CA HIS A 26 -86.28 -21.47 35.75
C HIS A 26 -85.06 -21.02 36.52
N LYS A 27 -85.08 -21.21 37.84
CA LYS A 27 -84.00 -20.73 38.69
C LYS A 27 -82.77 -21.62 38.56
N ALA A 28 -82.93 -22.91 38.81
CA ALA A 28 -81.82 -23.87 38.70
C ALA A 28 -81.37 -24.05 37.24
N MET A 29 -82.17 -23.54 36.31
CA MET A 29 -81.85 -23.59 34.88
C MET A 29 -81.06 -22.35 34.48
N LEU A 30 -81.35 -21.24 35.15
CA LEU A 30 -80.63 -20.00 34.90
C LEU A 30 -79.38 -19.95 35.75
N ASP A 31 -79.46 -20.50 36.96
CA ASP A 31 -78.29 -20.59 37.83
C ASP A 31 -77.21 -21.47 37.19
N SER A 32 -77.63 -22.41 36.34
CA SER A 32 -76.70 -23.30 35.66
C SER A 32 -76.29 -22.75 34.29
N MET A 33 -76.98 -21.71 33.83
CA MET A 33 -76.63 -21.13 32.55
C MET A 33 -75.59 -20.04 32.74
N GLN A 34 -75.70 -19.27 33.82
CA GLN A 34 -74.72 -18.22 34.05
C GLN A 34 -73.48 -18.80 34.72
N GLU A 35 -73.62 -19.98 35.35
CA GLU A 35 -72.45 -20.68 35.90
C GLU A 35 -71.63 -21.32 34.81
N LYS A 36 -72.31 -21.71 33.74
CA LYS A 36 -71.65 -22.34 32.61
C LYS A 36 -71.18 -21.32 31.61
N PHE A 37 -71.87 -20.19 31.57
CA PHE A 37 -71.46 -19.13 30.66
C PHE A 37 -70.27 -18.37 31.25
N ALA A 38 -70.24 -18.23 32.57
CA ALA A 38 -69.12 -17.56 33.22
C ALA A 38 -67.92 -18.50 33.35
N THR A 39 -68.17 -19.80 33.17
CA THR A 39 -67.11 -20.78 33.29
C THR A 39 -66.28 -20.80 32.01
N ILE A 40 -66.83 -20.23 30.94
CA ILE A 40 -66.13 -20.22 29.66
C ILE A 40 -65.47 -18.85 29.39
N ILE A 41 -66.08 -17.79 29.90
CA ILE A 41 -65.47 -16.46 29.75
C ILE A 41 -64.14 -16.49 30.50
N ASP A 42 -64.09 -17.27 31.57
CA ASP A 42 -62.88 -17.41 32.36
C ASP A 42 -61.84 -18.24 31.60
N SER A 43 -62.29 -19.28 30.89
CA SER A 43 -61.40 -20.11 30.08
C SER A 43 -60.99 -19.37 28.80
N SER A 44 -61.78 -18.39 28.41
CA SER A 44 -61.51 -17.57 27.24
C SER A 44 -60.35 -16.60 27.52
N LEU A 45 -60.39 -15.98 28.70
CA LEU A 45 -59.32 -15.10 29.11
C LEU A 45 -58.04 -15.90 29.29
N GLN A 46 -58.18 -17.16 29.69
CA GLN A 46 -57.03 -18.02 29.89
C GLN A 46 -56.32 -18.38 28.57
N SER A 47 -57.06 -18.33 27.46
CA SER A 47 -56.43 -18.61 26.16
C SER A 47 -55.78 -17.34 25.62
N VAL A 48 -56.33 -16.21 26.02
CA VAL A 48 -55.80 -14.91 25.60
C VAL A 48 -54.52 -14.60 26.37
N GLU A 49 -54.42 -15.14 27.59
CA GLU A 49 -53.23 -14.92 28.39
C GLU A 49 -52.13 -15.94 28.09
N GLU A 50 -52.52 -17.14 27.67
CA GLU A 50 -51.54 -18.13 27.29
C GLU A 50 -51.00 -17.87 25.88
N HIS A 51 -51.83 -17.27 25.03
CA HIS A 51 -51.36 -16.87 23.70
C HIS A 51 -50.43 -15.68 23.85
N ALA A 52 -50.80 -14.74 24.73
CA ALA A 52 -49.98 -13.58 24.99
C ALA A 52 -48.64 -13.97 25.59
N LYS A 53 -48.63 -15.06 26.35
CA LYS A 53 -47.39 -15.55 26.95
C LYS A 53 -46.56 -16.24 25.89
N GLN A 54 -47.23 -17.06 25.08
CA GLN A 54 -46.57 -17.81 24.01
C GLN A 54 -45.87 -16.88 23.04
N MET A 55 -46.60 -15.86 22.60
CA MET A 55 -46.09 -14.88 21.66
C MET A 55 -44.97 -14.06 22.28
N HIS A 56 -45.14 -13.69 23.53
CA HIS A 56 -44.16 -12.86 24.21
C HIS A 56 -42.84 -13.59 24.31
N LYS A 57 -42.90 -14.92 24.42
CA LYS A 57 -41.70 -15.73 24.43
C LYS A 57 -40.97 -15.67 23.08
N LYS A 58 -41.74 -15.74 22.00
CA LYS A 58 -41.22 -15.65 20.64
C LYS A 58 -40.49 -14.33 20.44
N LEU A 59 -41.07 -13.26 20.96
CA LEU A 59 -40.50 -11.92 20.80
C LEU A 59 -39.28 -11.74 21.69
N GLU A 60 -39.21 -12.56 22.73
CA GLU A 60 -38.11 -12.50 23.67
C GLU A 60 -36.87 -13.02 22.97
N GLN A 61 -37.00 -14.19 22.35
CA GLN A 61 -35.84 -14.82 21.74
C GLN A 61 -35.46 -14.15 20.42
N LEU A 62 -36.44 -13.55 19.76
CA LEU A 62 -36.17 -12.76 18.57
C LEU A 62 -35.38 -11.50 18.92
N GLY A 63 -35.79 -10.81 19.97
CA GLY A 63 -35.11 -9.60 20.39
C GLY A 63 -33.78 -9.93 21.02
N ALA A 64 -33.59 -11.20 21.31
CA ALA A 64 -32.36 -11.65 21.95
C ALA A 64 -31.23 -11.73 20.92
N MET A 65 -31.61 -11.66 19.65
CA MET A 65 -30.66 -11.71 18.54
C MET A 65 -29.94 -10.37 18.38
N SER A 66 -30.52 -9.33 18.98
CA SER A 66 -30.03 -7.98 18.85
C SER A 66 -28.60 -7.82 19.35
N LEU A 67 -28.32 -8.42 20.51
CA LEU A 67 -27.03 -8.27 21.15
C LEU A 67 -25.94 -8.98 20.33
N PRO A 68 -26.16 -10.23 19.90
CA PRO A 68 -25.19 -10.85 18.98
C PRO A 68 -25.04 -10.08 17.67
N ASP A 69 -26.12 -9.47 17.18
CA ASP A 69 -26.02 -8.63 15.99
C ASP A 69 -25.06 -7.48 16.28
N ALA A 70 -25.17 -6.90 17.46
CA ALA A 70 -24.34 -5.77 17.82
C ALA A 70 -22.88 -6.20 17.99
N GLU A 71 -22.68 -7.41 18.48
CA GLU A 71 -21.32 -7.95 18.65
C GLU A 71 -20.64 -8.06 17.29
N GLU A 72 -21.39 -8.57 16.30
CA GLU A 72 -20.87 -8.75 14.97
C GLU A 72 -20.52 -7.43 14.31
N LEU A 73 -21.36 -6.41 14.47
CA LEU A 73 -21.10 -5.09 13.92
C LEU A 73 -19.84 -4.53 14.57
N GLN A 74 -19.73 -4.70 15.87
CA GLN A 74 -18.57 -4.22 16.61
C GLN A 74 -17.30 -4.92 16.13
N ASN A 75 -17.40 -6.20 15.77
CA ASN A 75 -16.25 -6.90 15.22
C ASN A 75 -15.90 -6.33 13.85
N LEU A 76 -16.91 -6.11 13.01
CA LEU A 76 -16.69 -5.44 11.73
C LEU A 76 -16.05 -4.06 11.93
N GLN A 77 -16.45 -3.39 13.01
CA GLN A 77 -15.88 -2.09 13.30
C GLN A 77 -14.40 -2.21 13.63
N GLU A 78 -14.05 -3.23 14.41
CA GLU A 78 -12.65 -3.41 14.81
C GLU A 78 -11.79 -3.79 13.61
N GLU A 79 -12.30 -4.67 12.75
CA GLU A 79 -11.58 -5.12 11.57
C GLU A 79 -11.41 -3.98 10.55
N LEU A 80 -12.35 -3.04 10.54
CA LEU A 80 -12.20 -1.87 9.72
C LEU A 80 -11.10 -0.95 10.25
N ALA A 81 -11.02 -0.82 11.58
CA ALA A 81 -10.01 0.02 12.22
C ALA A 81 -8.62 -0.57 12.06
N ASN A 82 -8.53 -1.90 12.09
CA ASN A 82 -7.27 -2.58 11.85
C ASN A 82 -6.79 -2.28 10.46
N GLU A 83 -7.73 -2.26 9.50
CA GLU A 83 -7.37 -2.04 8.12
C GLU A 83 -6.76 -0.65 7.94
N ARG A 84 -7.29 0.34 8.66
CA ARG A 84 -6.71 1.68 8.59
C ARG A 84 -5.33 1.67 9.24
N ALA A 85 -5.17 0.90 10.32
CA ALA A 85 -3.88 0.77 10.99
C ALA A 85 -2.85 0.26 10.01
N LEU A 86 -3.18 -0.85 9.36
CA LEU A 86 -2.34 -1.47 8.36
C LEU A 86 -2.07 -0.52 7.19
N ALA A 87 -3.08 0.25 6.79
CA ALA A 87 -2.91 1.23 5.72
C ALA A 87 -1.97 2.34 6.16
N GLN A 88 -2.02 2.69 7.42
CA GLN A 88 -1.15 3.76 7.92
C GLN A 88 0.30 3.29 8.02
N GLN A 89 0.51 2.03 8.41
CA GLN A 89 1.87 1.48 8.46
C GLN A 89 2.43 1.37 7.07
N GLU A 90 1.59 0.95 6.14
CA GLU A 90 2.06 0.79 4.77
C GLU A 90 2.49 2.12 4.17
N ASP A 91 1.74 3.18 4.46
CA ASP A 91 2.07 4.45 3.87
C ASP A 91 3.35 5.01 4.49
N ALA A 92 3.53 4.81 5.79
CA ALA A 92 4.74 5.28 6.49
C ALA A 92 5.98 4.61 5.94
N LEU A 93 5.85 3.32 5.68
CA LEU A 93 6.92 2.48 5.17
C LEU A 93 7.41 2.92 3.80
N LEU A 94 6.46 3.10 2.88
CA LEU A 94 6.76 3.53 1.53
C LEU A 94 7.31 4.96 1.51
N GLU A 95 6.79 5.81 2.38
CA GLU A 95 7.31 7.17 2.50
C GLU A 95 8.76 7.14 2.94
N SER A 96 9.02 6.38 4.01
CA SER A 96 10.36 6.21 4.52
C SER A 96 11.28 5.66 3.45
N MET A 97 10.78 4.67 2.72
CA MET A 97 11.57 4.03 1.67
C MET A 97 11.89 5.03 0.58
N MET A 98 10.88 5.78 0.14
CA MET A 98 11.11 6.79 -0.90
C MET A 98 12.06 7.89 -0.45
N MET A 99 12.00 8.21 0.84
CA MET A 99 12.87 9.20 1.41
C MET A 99 14.30 8.76 1.20
N GLN A 100 14.61 7.56 1.70
CA GLN A 100 15.94 6.99 1.63
C GLN A 100 16.42 6.73 0.20
N MET A 101 15.51 6.29 -0.67
CA MET A 101 15.86 6.05 -2.06
C MET A 101 16.30 7.33 -2.74
N GLU A 102 15.73 8.44 -2.29
CA GLU A 102 16.03 9.75 -2.88
C GLU A 102 17.43 10.23 -2.52
N GLN A 103 17.88 9.96 -1.28
CA GLN A 103 19.25 10.28 -0.88
C GLN A 103 20.26 9.46 -1.66
N ILE A 104 20.02 8.14 -1.75
CA ILE A 104 20.88 7.23 -2.48
C ILE A 104 21.00 7.66 -3.94
N LYS A 105 19.90 8.07 -4.53
CA LYS A 105 19.89 8.60 -5.88
C LYS A 105 20.78 9.83 -6.03
N ASN A 106 20.68 10.75 -5.06
CA ASN A 106 21.48 11.98 -5.10
C ASN A 106 22.96 11.66 -4.91
N LEU A 107 23.27 10.80 -3.96
CA LEU A 107 24.65 10.41 -3.70
C LEU A 107 25.28 9.78 -4.94
N ARG A 108 24.52 8.93 -5.61
CA ARG A 108 24.98 8.34 -6.86
C ARG A 108 25.28 9.38 -7.92
N SER A 109 24.39 10.35 -8.09
CA SER A 109 24.58 11.38 -9.10
C SER A 109 25.84 12.18 -8.80
N LYS A 110 26.04 12.49 -7.53
CA LYS A 110 27.19 13.25 -7.11
C LYS A 110 28.46 12.46 -7.38
N ASN A 111 28.39 11.16 -7.09
CA ASN A 111 29.51 10.25 -7.29
C ASN A 111 29.83 10.03 -8.77
N SER A 112 28.82 10.02 -9.61
CA SER A 112 29.03 9.77 -11.03
C SER A 112 29.59 11.01 -11.72
N ILE A 113 29.17 12.18 -11.23
CA ILE A 113 29.66 13.47 -11.74
C ILE A 113 31.13 13.66 -11.35
N SER A 114 31.47 13.27 -10.13
CA SER A 114 32.86 13.31 -9.69
C SER A 114 33.71 12.48 -10.62
N MET A 115 33.15 11.35 -11.02
CA MET A 115 33.86 10.44 -11.90
C MET A 115 34.14 11.08 -13.26
N SER A 116 33.13 11.68 -13.87
CA SER A 116 33.30 12.34 -15.17
C SER A 116 34.40 13.41 -15.13
N VAL A 117 34.50 14.08 -13.98
CA VAL A 117 35.56 15.06 -13.75
C VAL A 117 36.94 14.38 -13.82
N HIS A 118 37.08 13.25 -13.15
CA HIS A 118 38.36 12.56 -13.19
C HIS A 118 38.64 12.03 -14.60
N LEU A 119 37.61 11.60 -15.31
CA LEU A 119 37.81 11.10 -16.67
C LEU A 119 38.28 12.24 -17.60
N ASN A 120 37.77 13.45 -17.38
CA ASN A 120 38.22 14.57 -18.20
C ASN A 120 39.62 14.98 -17.78
N LYS A 121 39.90 14.82 -16.50
CA LYS A 121 41.19 15.13 -15.93
C LYS A 121 42.22 14.25 -16.59
N MET A 122 41.89 12.96 -16.65
CA MET A 122 42.78 11.96 -17.24
C MET A 122 42.99 12.12 -18.74
N GLU A 123 41.95 12.54 -19.44
CA GLU A 123 42.04 12.79 -20.87
C GLU A 123 42.94 13.99 -21.17
N GLU A 124 42.95 14.97 -20.27
CA GLU A 124 43.88 16.08 -20.40
C GLU A 124 45.30 15.55 -20.19
N SER A 125 45.47 14.74 -19.16
CA SER A 125 46.78 14.17 -18.85
C SER A 125 47.28 13.26 -19.99
N ARG A 126 46.37 12.73 -20.79
CA ARG A 126 46.78 11.88 -21.90
C ARG A 126 47.21 12.75 -23.09
N LEU A 127 46.47 13.82 -23.34
CA LEU A 127 46.82 14.73 -24.42
C LEU A 127 48.14 15.43 -24.12
N THR A 128 48.30 15.89 -22.89
CA THR A 128 49.55 16.54 -22.45
C THR A 128 50.73 15.58 -22.63
N ARG A 129 50.53 14.32 -22.26
CA ARG A 129 51.55 13.30 -22.41
C ARG A 129 51.96 13.13 -23.87
N ASN A 130 51.00 13.21 -24.78
CA ASN A 130 51.29 13.07 -26.21
C ASN A 130 52.11 14.24 -26.76
N HIS A 131 51.80 15.44 -26.28
CA HIS A 131 52.52 16.62 -26.71
C HIS A 131 53.97 16.49 -26.27
N ARG A 132 54.16 16.03 -25.04
CA ARG A 132 55.50 15.86 -24.50
C ARG A 132 56.29 14.78 -25.24
N ILE A 133 55.62 13.71 -25.67
CA ILE A 133 56.29 12.66 -26.42
C ILE A 133 56.69 13.20 -27.79
N ASP A 134 55.80 13.97 -28.40
CA ASP A 134 56.06 14.57 -29.71
C ASP A 134 57.16 15.62 -29.61
N ASP A 135 57.14 16.36 -28.50
CA ASP A 135 58.16 17.36 -28.23
C ASP A 135 59.55 16.71 -28.14
N ILE A 136 59.62 15.57 -27.47
CA ILE A 136 60.86 14.82 -27.33
C ILE A 136 61.30 14.19 -28.66
N LYS A 137 60.35 13.66 -29.42
CA LYS A 137 60.61 13.11 -30.75
C LYS A 137 61.21 14.17 -31.66
N SER A 138 60.65 15.37 -31.58
CA SER A 138 61.13 16.50 -32.36
C SER A 138 62.55 16.87 -31.96
N GLY A 139 62.87 16.73 -30.67
CA GLY A 139 64.20 17.04 -30.16
C GLY A 139 65.24 16.05 -30.61
N ILE A 140 64.81 14.83 -30.91
CA ILE A 140 65.69 13.80 -31.45
C ILE A 140 65.95 14.08 -32.92
N GLN A 141 64.92 14.57 -33.61
CA GLN A 141 65.05 14.96 -35.02
C GLN A 141 65.93 16.19 -35.14
N ASP A 142 65.72 17.15 -34.24
CA ASP A 142 66.52 18.36 -34.20
C ASP A 142 67.98 18.05 -33.90
N TYR A 143 68.22 17.05 -33.04
CA TYR A 143 69.58 16.66 -32.70
C TYR A 143 70.26 15.93 -33.86
N GLN A 144 69.50 15.07 -34.55
CA GLN A 144 70.07 14.31 -35.66
C GLN A 144 70.32 15.20 -36.87
N LYS A 145 69.47 16.21 -37.05
CA LYS A 145 69.64 17.15 -38.16
C LYS A 145 70.81 18.07 -37.88
N LEU A 146 70.86 18.66 -36.69
CA LEU A 146 71.95 19.56 -36.37
C LEU A 146 73.24 18.76 -36.11
N GLY A 147 73.11 17.44 -36.04
CA GLY A 147 74.27 16.59 -35.91
C GLY A 147 74.93 16.21 -37.22
N ILE A 148 74.11 15.87 -38.22
CA ILE A 148 74.65 15.54 -39.55
C ILE A 148 75.12 16.80 -40.28
N GLU A 149 74.46 17.93 -40.04
CA GLU A 149 74.86 19.20 -40.65
C GLU A 149 76.15 19.73 -40.02
N ALA A 150 76.43 19.33 -38.79
CA ALA A 150 77.66 19.73 -38.10
C ALA A 150 78.84 18.90 -38.61
N SER A 151 78.56 17.66 -38.99
CA SER A 151 79.58 16.76 -39.54
C SER A 151 80.07 17.25 -40.91
N GLN A 152 79.14 17.78 -41.71
CA GLN A 152 79.47 18.31 -43.03
C GLN A 152 80.33 19.57 -42.95
N SER A 153 80.09 20.38 -41.91
CA SER A 153 80.84 21.62 -41.74
C SER A 153 82.29 21.35 -41.36
N ALA A 154 82.56 20.16 -40.86
CA ALA A 154 83.91 19.75 -40.49
C ALA A 154 84.59 18.98 -41.61
N GLN A 155 83.85 18.13 -42.30
CA GLN A 155 84.38 17.32 -43.39
C GLN A 155 84.63 18.13 -44.67
N ALA A 156 83.99 19.30 -44.77
CA ALA A 156 84.20 20.16 -45.92
C ALA A 156 85.44 21.04 -45.79
N GLU A 157 85.98 21.16 -44.57
CA GLU A 157 87.14 22.01 -44.35
C GLU A 157 88.47 21.27 -44.24
N LEU A 158 88.49 20.15 -43.53
CA LEU A 158 89.72 19.41 -43.31
C LEU A 158 89.98 18.38 -44.42
N THR A 159 88.91 17.85 -45.00
CA THR A 159 89.02 16.95 -46.14
C THR A 159 89.02 17.75 -47.45
N ALA B 28 105.12 17.64 -45.74
CA ALA B 28 103.66 17.51 -45.77
C ALA B 28 103.23 16.09 -45.42
N MET B 29 103.48 15.68 -44.18
CA MET B 29 103.08 14.37 -43.69
C MET B 29 101.69 14.43 -43.05
N LEU B 30 100.86 15.31 -43.58
CA LEU B 30 99.48 15.52 -43.12
C LEU B 30 98.46 14.59 -43.79
N ASP B 31 98.77 14.18 -45.02
CA ASP B 31 97.93 13.26 -45.78
C ASP B 31 97.66 11.96 -45.04
N SER B 32 98.59 11.61 -44.14
CA SER B 32 98.48 10.38 -43.35
C SER B 32 97.77 10.61 -42.02
N MET B 33 97.59 11.88 -41.65
CA MET B 33 96.90 12.24 -40.42
C MET B 33 95.41 12.46 -40.64
N GLN B 34 95.08 12.98 -41.82
CA GLN B 34 93.69 13.32 -42.16
C GLN B 34 92.82 12.13 -42.54
N GLU B 35 93.45 11.00 -42.83
CA GLU B 35 92.71 9.77 -43.11
C GLU B 35 92.10 9.26 -41.79
N LYS B 36 92.67 9.67 -40.66
CA LYS B 36 92.16 9.28 -39.34
C LYS B 36 91.03 10.25 -38.93
N PHE B 37 91.00 11.41 -39.58
CA PHE B 37 89.97 12.42 -39.33
C PHE B 37 88.59 12.01 -39.85
N ALA B 38 88.55 11.34 -40.99
CA ALA B 38 87.28 10.87 -41.52
C ALA B 38 86.86 9.61 -40.80
N THR B 39 87.82 8.97 -40.12
CA THR B 39 87.57 7.72 -39.42
C THR B 39 86.89 7.94 -38.07
N ILE B 40 87.04 9.14 -37.51
CA ILE B 40 86.45 9.41 -36.21
C ILE B 40 85.20 10.26 -36.35
N ILE B 41 85.18 11.16 -37.33
CA ILE B 41 83.99 11.96 -37.57
C ILE B 41 82.85 11.07 -38.07
N ASP B 42 83.20 10.09 -38.89
CA ASP B 42 82.20 9.17 -39.40
C ASP B 42 81.76 8.19 -38.33
N SER B 43 82.71 7.77 -37.49
CA SER B 43 82.38 6.84 -36.41
C SER B 43 81.60 7.52 -35.30
N SER B 44 81.75 8.84 -35.20
CA SER B 44 80.98 9.60 -34.23
C SER B 44 79.56 9.83 -34.73
N LEU B 45 79.44 10.24 -35.99
CA LEU B 45 78.13 10.48 -36.58
C LEU B 45 77.28 9.22 -36.67
N GLN B 46 77.92 8.07 -36.89
CA GLN B 46 77.17 6.82 -36.98
C GLN B 46 76.61 6.42 -35.61
N SER B 47 77.21 6.93 -34.53
CA SER B 47 76.73 6.64 -33.19
C SER B 47 75.61 7.61 -32.79
N VAL B 48 75.62 8.80 -33.39
CA VAL B 48 74.60 9.80 -33.14
C VAL B 48 73.32 9.39 -33.88
N GLU B 49 73.47 8.66 -34.96
CA GLU B 49 72.33 8.17 -35.72
C GLU B 49 71.82 6.84 -35.18
N GLU B 50 72.69 6.07 -34.52
CA GLU B 50 72.25 4.83 -33.91
C GLU B 50 71.52 5.11 -32.60
N HIS B 51 71.91 6.19 -31.93
CA HIS B 51 71.21 6.64 -30.73
C HIS B 51 69.86 7.23 -31.14
N ALA B 52 69.88 8.02 -32.21
CA ALA B 52 68.68 8.61 -32.75
C ALA B 52 67.71 7.56 -33.27
N LYS B 53 68.26 6.45 -33.76
CA LYS B 53 67.43 5.36 -34.25
C LYS B 53 66.82 4.59 -33.09
N GLN B 54 67.66 4.25 -32.13
CA GLN B 54 67.23 3.49 -30.96
C GLN B 54 66.16 4.22 -30.14
N MET B 55 66.43 5.49 -29.85
CA MET B 55 65.51 6.31 -29.06
C MET B 55 64.18 6.51 -29.75
N HIS B 56 64.24 6.78 -31.05
CA HIS B 56 63.02 7.03 -31.80
C HIS B 56 62.15 5.77 -31.83
N LYS B 57 62.78 4.61 -31.81
CA LYS B 57 62.03 3.35 -31.71
C LYS B 57 61.36 3.22 -30.34
N LYS B 58 62.12 3.53 -29.28
CA LYS B 58 61.58 3.54 -27.93
C LYS B 58 60.43 4.54 -27.76
N LEU B 59 60.59 5.71 -28.38
CA LEU B 59 59.59 6.77 -28.28
C LEU B 59 58.37 6.46 -29.14
N GLU B 60 58.56 5.60 -30.15
CA GLU B 60 57.44 5.23 -31.00
C GLU B 60 56.48 4.36 -30.24
N GLN B 61 57.02 3.33 -29.60
CA GLN B 61 56.16 2.38 -28.92
C GLN B 61 55.61 2.95 -27.61
N LEU B 62 56.34 3.88 -27.01
CA LEU B 62 55.84 4.57 -25.83
C LEU B 62 54.64 5.42 -26.19
N GLY B 63 54.74 6.13 -27.31
CA GLY B 63 53.65 6.96 -27.79
C GLY B 63 52.52 6.12 -28.35
N ALA B 64 52.79 4.83 -28.55
CA ALA B 64 51.78 3.93 -29.08
C ALA B 64 50.79 3.51 -27.99
N MET B 65 51.16 3.78 -26.74
CA MET B 65 50.33 3.43 -25.59
C MET B 65 49.16 4.39 -25.48
N SER B 66 49.27 5.51 -26.18
CA SER B 66 48.27 6.56 -26.13
C SER B 66 46.92 6.04 -26.61
N LEU B 67 46.94 5.23 -27.65
CA LEU B 67 45.68 4.72 -28.23
C LEU B 67 44.93 3.75 -27.32
N PRO B 68 45.61 2.72 -26.77
CA PRO B 68 44.87 1.91 -25.79
C PRO B 68 44.41 2.71 -24.56
N ASP B 69 45.23 3.69 -24.14
CA ASP B 69 44.87 4.57 -23.03
C ASP B 69 43.59 5.31 -23.35
N ALA B 70 43.47 5.78 -24.59
CA ALA B 70 42.30 6.53 -25.03
C ALA B 70 41.10 5.61 -25.09
N GLU B 71 41.37 4.36 -25.45
CA GLU B 71 40.35 3.31 -25.55
C GLU B 71 39.72 3.02 -24.20
N GLU B 72 40.57 2.92 -23.18
CA GLU B 72 40.13 2.60 -21.84
C GLU B 72 39.25 3.72 -21.30
N LEU B 73 39.65 4.96 -21.59
CA LEU B 73 38.88 6.13 -21.18
C LEU B 73 37.51 6.13 -21.84
N GLN B 74 37.47 5.78 -23.12
CA GLN B 74 36.20 5.75 -23.82
C GLN B 74 35.29 4.69 -23.23
N ASN B 75 35.87 3.58 -22.80
CA ASN B 75 35.07 2.54 -22.16
C ASN B 75 34.49 3.01 -20.83
N LEU B 76 35.32 3.59 -19.98
CA LEU B 76 34.83 4.17 -18.73
C LEU B 76 33.76 5.22 -19.02
N GLN B 77 33.94 5.94 -20.12
CA GLN B 77 32.99 6.96 -20.50
C GLN B 77 31.65 6.33 -20.85
N GLU B 78 31.69 5.20 -21.54
CA GLU B 78 30.45 4.50 -21.93
C GLU B 78 29.77 3.90 -20.70
N GLU B 79 30.57 3.35 -19.78
CA GLU B 79 30.02 2.76 -18.57
C GLU B 79 29.40 3.82 -17.66
N LEU B 80 29.95 5.01 -17.71
CA LEU B 80 29.38 6.13 -16.96
C LEU B 80 28.03 6.53 -17.57
N ALA B 81 27.92 6.44 -18.89
CA ALA B 81 26.66 6.77 -19.55
C ALA B 81 25.62 5.69 -19.27
N ASN B 82 26.05 4.44 -19.14
CA ASN B 82 25.15 3.36 -18.75
C ASN B 82 24.59 3.62 -17.37
N GLU B 83 25.43 4.09 -16.47
CA GLU B 83 25.01 4.39 -15.11
C GLU B 83 23.94 5.46 -15.14
N ARG B 84 24.11 6.46 -15.99
CA ARG B 84 23.09 7.51 -16.12
C ARG B 84 21.80 6.98 -16.73
N ALA B 85 21.93 6.12 -17.74
CA ALA B 85 20.78 5.49 -18.35
C ALA B 85 20.03 4.68 -17.30
N LEU B 86 20.75 3.82 -16.59
CA LEU B 86 20.19 2.95 -15.55
C LEU B 86 19.52 3.73 -14.41
N ALA B 87 20.14 4.82 -13.98
CA ALA B 87 19.56 5.63 -12.91
C ALA B 87 18.26 6.29 -13.39
N GLN B 88 18.20 6.62 -14.67
CA GLN B 88 17.03 7.25 -15.25
C GLN B 88 15.86 6.27 -15.34
N GLN B 89 16.15 5.02 -15.69
CA GLN B 89 15.13 3.98 -15.76
C GLN B 89 14.61 3.68 -14.37
N GLU B 90 15.53 3.65 -13.41
CA GLU B 90 15.18 3.36 -12.03
C GLU B 90 14.28 4.45 -11.47
N ASP B 91 14.58 5.71 -11.78
CA ASP B 91 13.78 6.80 -11.25
C ASP B 91 12.38 6.79 -11.87
N ALA B 92 12.30 6.50 -13.16
CA ALA B 92 11.03 6.42 -13.86
C ALA B 92 10.18 5.26 -13.31
N LEU B 93 10.86 4.15 -13.03
CA LEU B 93 10.20 2.95 -12.51
C LEU B 93 9.58 3.18 -11.14
N LEU B 94 10.35 3.75 -10.21
CA LEU B 94 9.87 4.02 -8.88
C LEU B 94 8.74 5.05 -8.86
N GLU B 95 8.84 6.05 -9.73
CA GLU B 95 7.80 7.04 -9.83
C GLU B 95 6.49 6.40 -10.28
N SER B 96 6.57 5.61 -11.34
CA SER B 96 5.44 4.87 -11.84
C SER B 96 4.85 3.93 -10.77
N MET B 97 5.72 3.27 -10.02
CA MET B 97 5.30 2.36 -8.97
C MET B 97 4.57 3.13 -7.89
N MET B 98 5.16 4.27 -7.51
CA MET B 98 4.55 5.11 -6.50
C MET B 98 3.19 5.67 -6.92
N MET B 99 3.07 6.00 -8.20
CA MET B 99 1.83 6.50 -8.77
C MET B 99 0.74 5.47 -8.60
N GLN B 100 0.99 4.26 -9.09
CA GLN B 100 0.01 3.19 -9.03
C GLN B 100 -0.29 2.82 -7.60
N MET B 101 0.74 2.89 -6.77
CA MET B 101 0.62 2.62 -5.36
C MET B 101 -0.30 3.64 -4.69
N GLU B 102 -0.27 4.86 -5.18
CA GLU B 102 -1.10 5.90 -4.61
C GLU B 102 -2.56 5.74 -5.02
N GLN B 103 -2.81 5.31 -6.26
CA GLN B 103 -4.17 5.07 -6.75
C GLN B 103 -4.84 3.97 -5.92
N ILE B 104 -4.12 2.88 -5.69
CA ILE B 104 -4.60 1.76 -4.87
C ILE B 104 -4.93 2.20 -3.43
N LYS B 105 -4.08 3.05 -2.88
CA LYS B 105 -4.28 3.63 -1.56
C LYS B 105 -5.59 4.40 -1.48
N ASN B 106 -5.83 5.22 -2.50
CA ASN B 106 -7.05 6.00 -2.56
C ASN B 106 -8.28 5.13 -2.72
N LEU B 107 -8.19 4.14 -3.61
CA LEU B 107 -9.29 3.21 -3.84
C LEU B 107 -9.65 2.44 -2.57
N ARG B 108 -8.64 1.96 -1.85
CA ARG B 108 -8.82 1.31 -0.56
C ARG B 108 -9.51 2.23 0.45
N SER B 109 -9.06 3.47 0.47
CA SER B 109 -9.58 4.47 1.37
C SER B 109 -11.06 4.74 1.09
N LYS B 110 -11.41 4.84 -0.20
CA LYS B 110 -12.80 5.02 -0.62
C LYS B 110 -13.61 3.77 -0.26
N ASN B 111 -13.01 2.62 -0.46
CA ASN B 111 -13.65 1.35 -0.15
C ASN B 111 -13.87 1.22 1.36
N SER B 112 -12.96 1.77 2.15
CA SER B 112 -13.05 1.67 3.60
C SER B 112 -14.09 2.65 4.17
N ILE B 113 -14.22 3.80 3.54
CA ILE B 113 -15.22 4.78 3.94
C ILE B 113 -16.60 4.24 3.63
N SER B 114 -16.74 3.60 2.47
CA SER B 114 -17.99 2.97 2.08
C SER B 114 -18.41 1.94 3.12
N MET B 115 -17.45 1.19 3.66
CA MET B 115 -17.79 0.20 4.66
C MET B 115 -18.33 0.86 5.92
N SER B 116 -17.60 1.84 6.44
CA SER B 116 -18.02 2.50 7.67
C SER B 116 -19.43 3.05 7.58
N VAL B 117 -19.79 3.55 6.40
CA VAL B 117 -21.14 4.02 6.13
C VAL B 117 -22.19 2.90 6.22
N HIS B 118 -21.93 1.78 5.55
CA HIS B 118 -22.87 0.66 5.61
C HIS B 118 -22.99 0.07 7.01
N LEU B 119 -21.88 0.06 7.75
CA LEU B 119 -21.91 -0.39 9.14
C LEU B 119 -22.77 0.52 9.99
N ASN B 120 -22.75 1.82 9.69
CA ASN B 120 -23.55 2.75 10.47
C ASN B 120 -25.03 2.58 10.15
N LYS B 121 -25.31 2.27 8.89
CA LYS B 121 -26.69 2.05 8.48
C LYS B 121 -27.20 0.82 9.19
N MET B 122 -26.39 -0.23 9.23
CA MET B 122 -26.80 -1.46 9.88
C MET B 122 -27.03 -1.26 11.38
N GLU B 123 -26.25 -0.37 11.99
CA GLU B 123 -26.44 -0.06 13.39
C GLU B 123 -27.77 0.67 13.64
N GLU B 124 -28.18 1.52 12.70
CA GLU B 124 -29.48 2.18 12.78
C GLU B 124 -30.61 1.18 12.62
N SER B 125 -30.48 0.33 11.60
CA SER B 125 -31.47 -0.70 11.35
C SER B 125 -31.60 -1.69 12.51
N ARG B 126 -30.55 -1.80 13.32
CA ARG B 126 -30.62 -2.70 14.47
C ARG B 126 -31.36 -2.02 15.62
N LEU B 127 -31.09 -0.73 15.83
CA LEU B 127 -31.75 0.01 16.89
C LEU B 127 -33.23 0.14 16.58
N THR B 128 -33.53 0.47 15.33
CA THR B 128 -34.91 0.58 14.88
C THR B 128 -35.66 -0.72 15.06
N ARG B 129 -35.03 -1.82 14.70
CA ARG B 129 -35.63 -3.13 14.87
C ARG B 129 -35.96 -3.41 16.34
N ASN B 130 -35.11 -2.93 17.24
CA ASN B 130 -35.33 -3.10 18.68
C ASN B 130 -36.54 -2.33 19.18
N HIS B 131 -36.73 -1.13 18.64
CA HIS B 131 -37.88 -0.32 19.00
C HIS B 131 -39.14 -0.99 18.51
N ARG B 132 -39.09 -1.52 17.29
CA ARG B 132 -40.29 -2.15 16.73
C ARG B 132 -40.66 -3.41 17.50
N ILE B 133 -39.66 -4.15 17.94
CA ILE B 133 -39.90 -5.35 18.72
C ILE B 133 -40.49 -4.96 20.08
N ASP B 134 -39.98 -3.89 20.66
CA ASP B 134 -40.48 -3.44 21.95
C ASP B 134 -41.93 -2.98 21.83
N ASP B 135 -42.25 -2.31 20.71
CA ASP B 135 -43.62 -1.89 20.46
C ASP B 135 -44.57 -3.06 20.38
N ILE B 136 -44.13 -4.11 19.68
CA ILE B 136 -44.95 -5.30 19.53
C ILE B 136 -45.10 -5.99 20.88
N LYS B 137 -44.02 -6.03 21.67
CA LYS B 137 -44.08 -6.58 23.02
C LYS B 137 -45.08 -5.80 23.87
N SER B 138 -45.03 -4.48 23.78
CA SER B 138 -45.94 -3.62 24.50
C SER B 138 -47.38 -3.81 24.01
N GLY B 139 -47.55 -4.02 22.70
CA GLY B 139 -48.88 -4.20 22.13
C GLY B 139 -49.53 -5.52 22.52
N ILE B 140 -48.68 -6.51 22.80
CA ILE B 140 -49.16 -7.79 23.27
C ILE B 140 -49.57 -7.66 24.72
N GLN B 141 -48.85 -6.82 25.46
CA GLN B 141 -49.18 -6.55 26.86
C GLN B 141 -50.49 -5.78 26.97
N ASP B 142 -50.68 -4.81 26.08
CA ASP B 142 -51.91 -4.03 26.00
C ASP B 142 -53.10 -4.95 25.69
N TYR B 143 -52.84 -5.96 24.87
CA TYR B 143 -53.88 -6.92 24.52
C TYR B 143 -54.25 -7.79 25.72
N GLN B 144 -53.24 -8.17 26.50
CA GLN B 144 -53.47 -9.00 27.68
C GLN B 144 -54.13 -8.17 28.76
N LYS B 145 -53.83 -6.88 28.75
CA LYS B 145 -54.41 -5.97 29.71
C LYS B 145 -55.90 -5.72 29.40
N LEU B 146 -56.20 -5.40 28.15
CA LEU B 146 -57.57 -5.11 27.73
C LEU B 146 -58.43 -6.36 27.64
N GLY B 147 -57.81 -7.52 27.78
CA GLY B 147 -58.54 -8.78 27.79
C GLY B 147 -59.08 -9.00 29.18
N ILE B 148 -58.28 -8.61 30.18
CA ILE B 148 -58.69 -8.69 31.57
C ILE B 148 -59.79 -7.67 31.85
N GLU B 149 -59.71 -6.54 31.15
CA GLU B 149 -60.70 -5.49 31.31
C GLU B 149 -62.03 -5.95 30.74
N ALA B 150 -61.94 -6.81 29.73
CA ALA B 150 -63.11 -7.35 29.08
C ALA B 150 -63.69 -8.49 29.89
N SER B 151 -62.82 -9.25 30.55
CA SER B 151 -63.27 -10.36 31.37
C SER B 151 -64.04 -9.87 32.59
N GLN B 152 -63.55 -8.81 33.21
CA GLN B 152 -64.21 -8.24 34.36
C GLN B 152 -65.51 -7.54 33.95
N SER B 153 -65.49 -6.89 32.80
CA SER B 153 -66.65 -6.17 32.28
C SER B 153 -67.76 -7.08 31.80
N ALA B 154 -67.41 -8.34 31.54
CA ALA B 154 -68.38 -9.32 31.05
C ALA B 154 -68.99 -10.04 32.23
N GLN B 155 -68.17 -10.33 33.23
CA GLN B 155 -68.65 -10.98 34.43
C GLN B 155 -69.40 -9.94 35.26
N ALA B 156 -69.21 -8.66 34.91
CA ALA B 156 -69.90 -7.56 35.58
C ALA B 156 -71.34 -7.46 35.07
N GLU B 157 -71.61 -8.16 33.98
CA GLU B 157 -72.93 -8.21 33.37
C GLU B 157 -73.64 -9.48 33.81
N LEU B 158 -72.85 -10.54 34.00
CA LEU B 158 -73.38 -11.85 34.34
C LEU B 158 -73.70 -11.92 35.83
N THR B 159 -72.97 -11.15 36.64
CA THR B 159 -73.28 -11.05 38.05
C THR B 159 -74.33 -9.93 38.24
N SER B 160 -74.49 -9.11 37.21
CA SER B 160 -75.52 -8.07 37.21
C SER B 160 -76.89 -8.62 36.78
N GLN B 161 -76.88 -9.61 35.88
CA GLN B 161 -78.12 -10.27 35.47
C GLN B 161 -78.40 -11.45 36.40
N MET B 162 -78.13 -11.25 37.68
CA MET B 162 -78.47 -12.20 38.74
C MET B 162 -79.75 -11.72 39.42
N GLU B 163 -80.20 -10.53 39.03
CA GLU B 163 -81.40 -9.92 39.58
C GLU B 163 -82.67 -10.48 38.95
C1 MPD C . -12.98 -4.11 2.82
C2 MPD C . -12.07 -3.24 3.70
O2 MPD C . -10.72 -3.25 3.17
CM MPD C . -12.57 -1.80 3.68
C3 MPD C . -12.05 -3.75 5.14
C4 MPD C . -11.56 -5.19 5.28
O4 MPD C . -10.21 -5.28 4.84
C5 MPD C . -11.66 -5.62 6.73
#